data_1TE2
#
_entry.id   1TE2
#
_cell.length_a   48.591
_cell.length_b   88.447
_cell.length_c   48.591
_cell.angle_alpha   90.00
_cell.angle_beta   97.26
_cell.angle_gamma   90.00
#
_symmetry.space_group_name_H-M   'P 1 21 1'
#
loop_
_entity.id
_entity.type
_entity.pdbx_description
1 polymer '2-deoxyglucose-6-P phosphatase'
2 non-polymer '2-PHOSPHOGLYCOLIC ACID'
3 non-polymer 'CALCIUM ION'
4 water water
#
_entity_poly.entity_id   1
_entity_poly.type   'polypeptide(L)'
_entity_poly.pdbx_seq_one_letter_code
;GH(MSE)STPRQILAAIFD(MSE)DGLLIDSEPLWDRAELDV(MSE)ASLGVDISRRNELPDTLGLRID(MSE)VVDLWY
ARQPWNGPSRQEVVERVIARAISLVEETRPLLPGVREAVALCKEQGLLVGLASASPLH(MSE)LEKVLT(MSE)FDLRDS
FDALASAEKLPYSKPHPQVYLDCAAKLGVDPLTCVALEDSVNG(MSE)IASKAAR(MSE)RSIVVPAPEAQNDPRFVLAN
VKLSSLTELTAKDLLGGS
;
_entity_poly.pdbx_strand_id   A,B
#
loop_
_chem_comp.id
_chem_comp.type
_chem_comp.name
_chem_comp.formula
CA non-polymer 'CALCIUM ION' 'Ca 2'
PGA non-polymer '2-PHOSPHOGLYCOLIC ACID' 'C2 H5 O6 P'
#
# COMPACT_ATOMS: atom_id res chain seq x y z
N ARG A 7 9.58 6.81 16.49
CA ARG A 7 9.58 7.28 15.07
C ARG A 7 10.14 8.70 14.99
N GLN A 8 11.36 8.86 14.47
CA GLN A 8 11.90 10.20 14.29
C GLN A 8 11.58 10.70 12.90
N ILE A 9 10.90 11.82 12.81
CA ILE A 9 10.53 12.40 11.51
C ILE A 9 11.61 13.39 11.03
N LEU A 10 12.09 13.14 9.81
CA LEU A 10 13.10 13.96 9.15
C LEU A 10 12.56 14.70 7.91
N ALA A 11 11.44 14.26 7.35
CA ALA A 11 10.89 14.88 6.15
C ALA A 11 9.38 14.84 6.11
N ALA A 12 8.81 15.85 5.47
CA ALA A 12 7.38 15.90 5.16
C ALA A 12 7.21 15.86 3.64
N ILE A 13 6.36 14.98 3.15
CA ILE A 13 6.06 14.85 1.72
C ILE A 13 4.59 15.20 1.53
N PHE A 14 4.34 16.20 0.72
CA PHE A 14 2.98 16.64 0.41
C PHE A 14 2.46 15.96 -0.86
N ASP A 15 1.20 15.55 -0.80
CA ASP A 15 0.41 15.23 -1.98
C ASP A 15 0.17 16.56 -2.68
N MSE A 16 -0.07 16.47 -3.98
N MSE A 16 -0.15 16.59 -3.96
CA MSE A 16 -0.37 17.66 -4.75
CA MSE A 16 -0.46 17.89 -4.61
C MSE A 16 -1.90 17.92 -4.88
C MSE A 16 -1.95 18.10 -4.95
O MSE A 16 -2.46 18.71 -4.14
O MSE A 16 -2.54 19.08 -4.48
CB MSE A 16 0.36 17.67 -6.11
CB MSE A 16 0.30 18.06 -5.93
CG MSE A 16 0.09 19.06 -6.69
CG MSE A 16 -0.20 19.32 -6.73
SE MSE A 16 0.83 19.54 -8.32
SE MSE A 16 1.04 20.78 -6.66
CE MSE A 16 -0.19 18.32 -9.55
CE MSE A 16 2.36 20.26 -7.93
N ASP A 17 -2.53 17.28 -5.84
CA ASP A 17 -3.92 17.51 -6.23
C ASP A 17 -4.88 17.23 -5.08
N GLY A 18 -5.64 18.25 -4.71
CA GLY A 18 -6.60 18.17 -3.63
C GLY A 18 -6.01 18.44 -2.25
N LEU A 19 -4.70 18.60 -2.18
CA LEU A 19 -4.00 18.80 -0.92
C LEU A 19 -3.33 20.18 -0.87
N LEU A 20 -2.46 20.45 -1.85
CA LEU A 20 -1.86 21.77 -2.05
C LEU A 20 -2.73 22.67 -2.92
N ILE A 21 -3.43 22.09 -3.90
CA ILE A 21 -4.23 22.85 -4.84
C ILE A 21 -5.60 22.26 -4.98
N ASP A 22 -6.58 23.11 -5.23
CA ASP A 22 -7.95 22.68 -5.37
C ASP A 22 -8.19 22.33 -6.85
N SER A 23 -7.50 21.29 -7.31
CA SER A 23 -7.51 20.91 -8.73
C SER A 23 -8.51 19.80 -9.09
N GLU A 24 -9.07 19.10 -8.10
CA GLU A 24 -9.99 17.99 -8.37
C GLU A 24 -11.17 18.41 -9.24
N PRO A 25 -11.81 19.54 -8.95
CA PRO A 25 -12.87 20.04 -9.85
C PRO A 25 -12.35 20.45 -11.23
N LEU A 26 -11.10 20.88 -11.33
CA LEU A 26 -10.49 21.23 -12.61
C LEU A 26 -10.18 19.99 -13.48
N TRP A 27 -9.62 18.96 -12.86
CA TRP A 27 -9.47 17.67 -13.51
C TRP A 27 -10.82 17.14 -13.96
N ASP A 28 -11.87 17.31 -13.15
CA ASP A 28 -13.20 16.81 -13.53
C ASP A 28 -13.65 17.48 -14.81
N ARG A 29 -13.51 18.81 -14.85
CA ARG A 29 -13.90 19.60 -16.01
C ARG A 29 -13.08 19.22 -17.25
N ALA A 30 -11.77 19.03 -17.09
CA ALA A 30 -10.89 18.59 -18.19
C ALA A 30 -11.36 17.25 -18.74
N GLU A 31 -11.62 16.26 -17.87
N GLU A 31 -11.63 16.35 -17.81
CA GLU A 31 -12.11 14.89 -18.28
CA GLU A 31 -12.03 15.00 -18.06
C GLU A 31 -13.44 14.99 -18.95
C GLU A 31 -13.39 14.97 -18.83
N LEU A 32 -14.35 15.77 -18.34
CA LEU A 32 -15.69 15.92 -18.92
C LEU A 32 -15.66 16.45 -20.34
N ASP A 33 -14.96 17.56 -20.52
CA ASP A 33 -14.86 18.22 -21.80
C ASP A 33 -14.24 17.33 -22.86
N VAL A 34 -13.16 16.64 -22.50
CA VAL A 34 -12.48 15.75 -23.47
C VAL A 34 -13.38 14.55 -23.80
N MSE A 35 -13.89 13.88 -22.77
CA MSE A 35 -14.80 12.74 -22.99
C MSE A 35 -16.03 13.14 -23.81
O MSE A 35 -16.43 12.41 -24.70
CB MSE A 35 -15.25 12.12 -21.65
CG MSE A 35 -14.20 11.34 -20.93
SE MSE A 35 -13.38 9.91 -21.97
CE MSE A 35 -11.65 10.20 -21.28
N ALA A 36 -16.60 14.30 -23.55
CA ALA A 36 -17.77 14.74 -24.28
C ALA A 36 -17.42 14.91 -25.77
N SER A 37 -16.23 15.45 -26.05
CA SER A 37 -15.79 15.67 -27.42
C SER A 37 -15.64 14.35 -28.21
N LEU A 38 -15.42 13.25 -27.49
CA LEU A 38 -15.25 11.92 -28.11
C LEU A 38 -16.54 11.18 -28.35
N GLY A 39 -17.66 11.77 -27.92
CA GLY A 39 -18.95 11.14 -28.06
C GLY A 39 -19.34 10.31 -26.85
N VAL A 40 -18.50 10.32 -25.82
CA VAL A 40 -18.74 9.52 -24.63
C VAL A 40 -19.94 10.06 -23.86
N ASP A 41 -20.87 9.15 -23.55
CA ASP A 41 -22.06 9.44 -22.78
C ASP A 41 -21.70 9.63 -21.30
N ILE A 42 -21.63 10.89 -20.92
CA ILE A 42 -21.20 11.33 -19.60
C ILE A 42 -22.17 10.93 -18.47
N SER A 43 -23.46 10.92 -18.77
CA SER A 43 -24.49 10.59 -17.76
C SER A 43 -24.24 9.24 -17.07
N ARG A 44 -23.55 8.33 -17.76
CA ARG A 44 -23.16 7.04 -17.19
C ARG A 44 -21.87 7.10 -16.38
N ARG A 45 -21.57 8.26 -15.82
CA ARG A 45 -20.37 8.43 -15.00
C ARG A 45 -20.48 7.57 -13.74
N ASN A 46 -21.71 7.39 -13.27
CA ASN A 46 -22.01 6.54 -12.11
C ASN A 46 -21.52 5.08 -12.22
N GLU A 47 -21.24 4.64 -13.44
CA GLU A 47 -20.77 3.28 -13.72
C GLU A 47 -19.35 3.01 -13.26
N LEU A 48 -18.53 4.06 -13.19
CA LEU A 48 -17.14 3.91 -12.75
C LEU A 48 -17.07 3.85 -11.23
N PRO A 49 -16.03 3.20 -10.72
CA PRO A 49 -15.78 3.19 -9.27
C PRO A 49 -15.30 4.55 -8.80
N ASP A 50 -15.10 4.69 -7.50
CA ASP A 50 -14.48 5.87 -6.94
C ASP A 50 -13.07 5.94 -7.56
N THR A 51 -12.75 7.08 -8.15
CA THR A 51 -11.44 7.28 -8.74
C THR A 51 -10.62 8.32 -8.02
N LEU A 52 -11.05 8.77 -6.84
CA LEU A 52 -10.32 9.83 -6.15
C LEU A 52 -8.87 9.39 -5.86
N GLY A 53 -7.92 10.19 -6.35
CA GLY A 53 -6.51 9.94 -6.17
C GLY A 53 -5.88 8.99 -7.17
N LEU A 54 -6.66 8.48 -8.11
CA LEU A 54 -6.12 7.61 -9.15
C LEU A 54 -5.51 8.47 -10.24
N ARG A 55 -4.44 7.96 -10.84
CA ARG A 55 -3.78 8.59 -11.98
C ARG A 55 -4.72 8.65 -13.19
N ILE A 56 -4.59 9.74 -13.96
CA ILE A 56 -5.51 10.00 -15.07
C ILE A 56 -5.61 8.87 -16.09
N ASP A 57 -4.51 8.15 -16.35
N ASP A 57 -4.52 8.18 -16.34
CA ASP A 57 -4.56 7.07 -17.38
CA ASP A 57 -4.53 7.09 -17.30
C ASP A 57 -5.46 5.90 -16.90
C ASP A 57 -5.51 5.99 -16.89
N MSE A 58 -5.55 5.69 -15.59
CA MSE A 58 -6.45 4.67 -15.04
C MSE A 58 -7.89 5.09 -15.27
O MSE A 58 -8.72 4.24 -15.57
CB MSE A 58 -6.23 4.49 -13.52
CG MSE A 58 -4.86 3.96 -13.14
SE MSE A 58 -4.39 2.33 -14.09
CE MSE A 58 -3.07 3.02 -15.16
N VAL A 59 -8.17 6.37 -15.09
CA VAL A 59 -9.51 6.92 -15.29
C VAL A 59 -9.91 6.83 -16.76
N VAL A 60 -9.00 7.17 -17.67
CA VAL A 60 -9.28 7.10 -19.10
C VAL A 60 -9.57 5.65 -19.49
N ASP A 61 -8.80 4.72 -18.94
CA ASP A 61 -8.97 3.28 -19.19
C ASP A 61 -10.33 2.84 -18.68
N LEU A 62 -10.75 3.37 -17.53
CA LEU A 62 -12.05 3.01 -16.94
C LEU A 62 -13.20 3.44 -17.88
N TRP A 63 -13.15 4.68 -18.38
CA TRP A 63 -14.12 5.13 -19.37
C TRP A 63 -14.10 4.32 -20.64
N TYR A 64 -12.90 4.00 -21.12
CA TYR A 64 -12.70 3.28 -22.39
C TYR A 64 -13.22 1.84 -22.32
N ALA A 65 -13.20 1.27 -21.12
CA ALA A 65 -13.70 -0.08 -20.88
C ALA A 65 -15.22 -0.12 -20.95
N ARG A 66 -15.85 0.96 -20.50
CA ARG A 66 -17.31 1.11 -20.55
C ARG A 66 -17.78 1.52 -21.94
N GLN A 67 -17.16 2.58 -22.47
CA GLN A 67 -17.58 3.16 -23.73
C GLN A 67 -16.40 3.46 -24.64
N PRO A 68 -15.85 2.44 -25.30
CA PRO A 68 -14.69 2.62 -26.17
C PRO A 68 -14.93 3.51 -27.38
N TRP A 69 -14.10 4.54 -27.52
CA TRP A 69 -14.22 5.50 -28.62
C TRP A 69 -13.16 5.24 -29.67
N ASN A 70 -13.32 5.98 -30.75
N ASN A 70 -13.34 5.80 -30.89
CA ASN A 70 -12.45 5.89 -31.87
CA ASN A 70 -12.38 5.69 -32.03
C ASN A 70 -11.68 7.20 -32.09
C ASN A 70 -11.63 7.02 -32.05
N GLY A 71 -10.63 7.14 -32.92
CA GLY A 71 -9.87 8.36 -33.16
C GLY A 71 -8.66 8.41 -32.22
N PRO A 72 -8.63 9.37 -31.31
CA PRO A 72 -7.53 9.47 -30.35
C PRO A 72 -7.37 8.21 -29.51
N SER A 73 -6.14 7.77 -29.31
CA SER A 73 -5.86 6.63 -28.45
C SER A 73 -6.10 7.06 -27.00
N ARG A 74 -6.13 6.10 -26.09
CA ARG A 74 -6.23 6.44 -24.68
C ARG A 74 -5.08 7.34 -24.25
N GLN A 75 -3.86 7.08 -24.71
CA GLN A 75 -2.72 7.93 -24.30
C GLN A 75 -2.84 9.35 -24.87
N GLU A 76 -3.33 9.48 -26.09
CA GLU A 76 -3.58 10.79 -26.69
C GLU A 76 -4.66 11.54 -25.90
N VAL A 77 -5.66 10.80 -25.45
CA VAL A 77 -6.71 11.37 -24.61
C VAL A 77 -6.17 11.81 -23.25
N VAL A 78 -5.29 11.00 -22.66
CA VAL A 78 -4.64 11.34 -21.40
C VAL A 78 -3.91 12.68 -21.53
N GLU A 79 -3.15 12.82 -22.61
CA GLU A 79 -2.38 14.03 -22.79
C GLU A 79 -3.26 15.25 -22.99
N ARG A 80 -4.39 15.08 -23.66
CA ARG A 80 -5.34 16.16 -23.86
C ARG A 80 -5.96 16.62 -22.54
N VAL A 81 -6.30 15.66 -21.68
CA VAL A 81 -6.91 15.98 -20.39
C VAL A 81 -5.88 16.73 -19.52
N ILE A 82 -4.65 16.21 -19.48
CA ILE A 82 -3.58 16.83 -18.70
C ILE A 82 -3.38 18.29 -19.10
N ALA A 83 -3.34 18.54 -20.41
CA ALA A 83 -3.06 19.88 -20.91
C ALA A 83 -4.15 20.85 -20.50
N ARG A 84 -5.40 20.39 -20.62
CA ARG A 84 -6.58 21.17 -20.24
C ARG A 84 -6.58 21.47 -18.74
N ALA A 85 -6.31 20.44 -17.93
CA ALA A 85 -6.24 20.59 -16.49
C ALA A 85 -5.18 21.63 -16.07
N ILE A 86 -4.00 21.56 -16.67
CA ILE A 86 -2.92 22.51 -16.39
C ILE A 86 -3.37 23.94 -16.69
N SER A 87 -4.00 24.15 -17.84
CA SER A 87 -4.46 25.50 -18.20
C SER A 87 -5.48 26.02 -17.21
N LEU A 88 -6.31 25.13 -16.71
CA LEU A 88 -7.30 25.51 -15.71
C LEU A 88 -6.67 25.90 -14.39
N VAL A 89 -5.61 25.18 -14.00
CA VAL A 89 -4.91 25.52 -12.75
C VAL A 89 -4.21 26.88 -12.88
N GLU A 90 -3.49 27.10 -13.98
CA GLU A 90 -2.80 28.36 -14.21
C GLU A 90 -3.78 29.52 -14.13
N GLU A 91 -4.95 29.31 -14.71
CA GLU A 91 -6.00 30.31 -14.85
C GLU A 91 -6.61 30.71 -13.51
N THR A 92 -6.91 29.72 -12.68
CA THR A 92 -7.61 29.94 -11.41
C THR A 92 -6.66 30.05 -10.21
N ARG A 93 -5.46 29.48 -10.33
CA ARG A 93 -4.47 29.48 -9.25
C ARG A 93 -5.06 29.09 -7.88
N PRO A 94 -5.60 27.88 -7.78
CA PRO A 94 -6.38 27.45 -6.61
C PRO A 94 -5.52 26.88 -5.46
N LEU A 95 -4.77 27.73 -4.78
CA LEU A 95 -3.97 27.31 -3.64
C LEU A 95 -4.93 27.10 -2.50
N LEU A 96 -4.81 25.94 -1.85
CA LEU A 96 -5.70 25.62 -0.75
C LEU A 96 -5.30 26.36 0.53
N PRO A 97 -6.23 26.52 1.46
CA PRO A 97 -5.93 27.21 2.72
C PRO A 97 -4.86 26.53 3.54
N GLY A 98 -3.98 27.33 4.11
CA GLY A 98 -3.01 26.85 5.07
C GLY A 98 -1.74 26.31 4.45
N VAL A 99 -1.66 26.29 3.12
CA VAL A 99 -0.52 25.65 2.43
C VAL A 99 0.83 26.30 2.73
N ARG A 100 0.91 27.59 2.49
CA ARG A 100 2.15 28.33 2.68
C ARG A 100 2.64 28.23 4.12
N GLU A 101 1.70 28.30 5.06
CA GLU A 101 2.01 28.20 6.47
C GLU A 101 2.42 26.77 6.85
N ALA A 102 1.78 25.77 6.24
CA ALA A 102 2.12 24.37 6.50
C ALA A 102 3.55 24.06 6.07
N VAL A 103 3.92 24.54 4.88
CA VAL A 103 5.25 24.31 4.34
C VAL A 103 6.28 25.04 5.20
N ALA A 104 5.97 26.29 5.58
CA ALA A 104 6.84 27.04 6.49
C ALA A 104 7.01 26.31 7.82
N LEU A 105 5.92 25.76 8.36
CA LEU A 105 5.97 25.02 9.61
C LEU A 105 6.91 23.83 9.54
N CYS A 106 6.88 23.12 8.41
CA CYS A 106 7.77 21.97 8.20
C CYS A 106 9.23 22.40 8.33
N LYS A 107 9.58 23.52 7.72
CA LYS A 107 10.95 24.06 7.77
C LYS A 107 11.34 24.50 9.18
N GLU A 108 10.42 25.17 9.87
CA GLU A 108 10.64 25.59 11.26
C GLU A 108 10.86 24.40 12.19
N GLN A 109 10.23 23.28 11.87
CA GLN A 109 10.41 22.05 12.64
C GLN A 109 11.59 21.18 12.15
N GLY A 110 12.42 21.72 11.27
CA GLY A 110 13.64 21.03 10.88
C GLY A 110 13.51 19.93 9.82
N LEU A 111 12.44 19.98 9.03
CA LEU A 111 12.18 18.90 8.07
C LEU A 111 12.57 19.27 6.64
N LEU A 112 13.02 18.27 5.89
CA LEU A 112 13.10 18.33 4.46
C LEU A 112 11.69 18.26 3.95
N VAL A 113 11.44 18.81 2.77
CA VAL A 113 10.12 18.87 2.19
C VAL A 113 10.12 18.26 0.81
N GLY A 114 9.26 17.26 0.62
CA GLY A 114 9.02 16.63 -0.65
C GLY A 114 7.62 16.78 -1.23
N LEU A 115 7.52 16.49 -2.52
CA LEU A 115 6.24 16.40 -3.23
C LEU A 115 6.18 15.05 -3.95
N ALA A 116 5.05 14.35 -3.77
CA ALA A 116 4.82 13.06 -4.42
C ALA A 116 3.44 13.07 -5.02
N SER A 117 3.37 12.92 -6.34
CA SER A 117 2.11 13.08 -7.06
C SER A 117 1.97 12.15 -8.26
N ALA A 118 0.72 11.84 -8.62
CA ALA A 118 0.43 11.06 -9.82
C ALA A 118 0.55 11.93 -11.05
N SER A 119 0.52 13.24 -10.87
CA SER A 119 0.58 14.18 -11.97
C SER A 119 1.98 14.28 -12.56
N PRO A 120 2.07 14.68 -13.82
CA PRO A 120 3.37 14.73 -14.51
C PRO A 120 4.34 15.70 -13.84
N LEU A 121 5.62 15.35 -13.86
CA LEU A 121 6.65 16.16 -13.25
C LEU A 121 6.62 17.60 -13.72
N HIS A 122 6.40 17.82 -15.02
CA HIS A 122 6.34 19.18 -15.55
C HIS A 122 5.19 19.97 -14.90
N MSE A 123 4.09 19.29 -14.58
CA MSE A 123 2.99 19.97 -13.88
C MSE A 123 3.35 20.26 -12.42
O MSE A 123 2.89 21.25 -11.83
CB MSE A 123 1.72 19.12 -13.94
CG MSE A 123 0.53 19.78 -13.29
SE MSE A 123 -1.03 18.70 -13.42
CE MSE A 123 -2.21 19.72 -12.25
N LEU A 124 4.12 19.37 -11.81
CA LEU A 124 4.53 19.59 -10.42
C LEU A 124 5.43 20.83 -10.33
N GLU A 125 6.37 20.93 -11.26
CA GLU A 125 7.28 22.07 -11.34
C GLU A 125 6.50 23.37 -11.59
N LYS A 126 5.43 23.25 -12.39
CA LYS A 126 4.65 24.42 -12.78
C LYS A 126 3.82 24.96 -11.64
N VAL A 127 3.09 24.08 -10.95
CA VAL A 127 2.27 24.48 -9.81
C VAL A 127 3.13 25.06 -8.68
N LEU A 128 4.29 24.45 -8.41
CA LEU A 128 5.16 24.96 -7.35
C LEU A 128 5.73 26.33 -7.72
N THR A 129 6.22 26.44 -8.94
CA THR A 129 6.79 27.69 -9.39
C THR A 129 5.78 28.86 -9.40
N MSE A 130 4.52 28.62 -9.68
N MSE A 130 4.48 28.49 -9.62
CA MSE A 130 3.63 29.76 -9.77
CA MSE A 130 3.30 29.43 -9.74
C MSE A 130 3.13 30.23 -8.39
C MSE A 130 2.86 30.06 -8.40
O MSE A 130 2.55 31.29 -8.29
O MSE A 130 2.12 31.07 -8.36
CB MSE A 130 2.40 29.38 -10.56
CB MSE A 130 2.05 28.77 -10.49
CG MSE A 130 2.40 29.49 -12.01
CG MSE A 130 0.93 28.09 -9.63
SE MSE A 130 0.57 29.75 -12.54
SE MSE A 130 -0.58 27.80 -10.79
CE MSE A 130 -0.44 28.71 -11.14
CE MSE A 130 0.23 26.68 -12.15
N PHE A 131 3.31 29.43 -7.33
CA PHE A 131 2.99 29.87 -6.00
C PHE A 131 4.27 30.24 -5.24
N ASP A 132 5.36 30.46 -5.97
CA ASP A 132 6.67 30.72 -5.38
C ASP A 132 6.98 29.74 -4.26
N LEU A 133 6.67 28.47 -4.50
CA LEU A 133 6.94 27.40 -3.55
C LEU A 133 8.05 26.44 -3.99
N ARG A 134 8.59 26.60 -5.19
CA ARG A 134 9.57 25.63 -5.69
C ARG A 134 10.86 25.56 -4.85
N ASP A 135 11.30 26.70 -4.33
CA ASP A 135 12.47 26.75 -3.47
C ASP A 135 12.33 25.98 -2.14
N SER A 136 11.11 25.92 -1.60
CA SER A 136 10.84 25.22 -0.35
C SER A 136 10.87 23.69 -0.50
N PHE A 137 10.72 23.19 -1.72
CA PHE A 137 10.70 21.74 -1.95
C PHE A 137 12.09 21.19 -2.32
N ASP A 138 12.56 20.28 -1.47
CA ASP A 138 13.87 19.66 -1.63
C ASP A 138 13.87 18.54 -2.65
N ALA A 139 12.71 17.96 -2.91
CA ALA A 139 12.56 16.92 -3.94
C ALA A 139 11.11 16.81 -4.44
N LEU A 140 10.99 16.50 -5.73
CA LEU A 140 9.70 16.22 -6.38
C LEU A 140 9.73 14.80 -6.94
N ALA A 141 8.63 14.07 -6.81
CA ALA A 141 8.49 12.75 -7.43
C ALA A 141 7.12 12.61 -8.09
N SER A 142 7.13 12.29 -9.38
CA SER A 142 5.91 12.03 -10.15
C SER A 142 5.78 10.54 -10.44
N ALA A 143 4.55 10.04 -10.40
CA ALA A 143 4.26 8.65 -10.75
C ALA A 143 3.95 8.49 -12.25
N GLU A 144 4.05 9.55 -13.04
CA GLU A 144 3.60 9.50 -14.43
C GLU A 144 4.23 8.34 -15.23
N LYS A 145 5.54 8.14 -15.06
CA LYS A 145 6.30 7.10 -15.78
C LYS A 145 6.32 5.73 -15.09
N LEU A 146 5.77 5.63 -13.88
CA LEU A 146 5.83 4.37 -13.13
C LEU A 146 4.78 3.39 -13.63
N PRO A 147 5.02 2.10 -13.45
CA PRO A 147 4.02 1.07 -13.76
C PRO A 147 2.72 1.25 -12.99
N TYR A 148 2.82 1.63 -11.71
CA TYR A 148 1.65 1.83 -10.85
C TYR A 148 1.78 3.10 -10.02
N SER A 149 0.72 3.91 -10.03
CA SER A 149 0.68 5.10 -9.22
C SER A 149 0.02 4.73 -7.88
N LYS A 150 -0.15 5.72 -7.01
CA LYS A 150 -0.91 5.52 -5.77
C LYS A 150 -2.21 4.74 -6.12
N PRO A 151 -2.62 3.73 -5.34
CA PRO A 151 -2.11 3.40 -4.00
C PRO A 151 -0.83 2.54 -3.92
N HIS A 152 -0.16 2.31 -5.04
CA HIS A 152 1.18 1.73 -5.01
C HIS A 152 2.17 2.74 -4.35
N PRO A 153 3.04 2.28 -3.45
CA PRO A 153 3.94 3.19 -2.74
C PRO A 153 5.17 3.69 -3.53
N GLN A 154 5.37 3.25 -4.76
CA GLN A 154 6.61 3.54 -5.47
C GLN A 154 6.96 5.03 -5.51
N VAL A 155 5.97 5.87 -5.81
CA VAL A 155 6.22 7.30 -5.91
C VAL A 155 6.71 7.88 -4.59
N TYR A 156 6.09 7.46 -3.47
CA TYR A 156 6.56 7.87 -2.15
C TYR A 156 7.96 7.36 -1.84
N LEU A 157 8.28 6.12 -2.21
CA LEU A 157 9.62 5.58 -1.99
C LEU A 157 10.66 6.32 -2.84
N ASP A 158 10.30 6.67 -4.08
CA ASP A 158 11.18 7.44 -4.96
C ASP A 158 11.46 8.82 -4.37
N CYS A 159 10.44 9.44 -3.78
CA CYS A 159 10.57 10.76 -3.19
C CYS A 159 11.51 10.71 -1.99
N ALA A 160 11.31 9.72 -1.13
CA ALA A 160 12.17 9.50 0.03
C ALA A 160 13.63 9.33 -0.38
N ALA A 161 13.84 8.61 -1.48
CA ALA A 161 15.19 8.36 -2.00
C ALA A 161 15.82 9.64 -2.52
N LYS A 162 15.04 10.43 -3.22
CA LYS A 162 15.50 11.70 -3.78
C LYS A 162 15.77 12.71 -2.69
N LEU A 163 14.98 12.64 -1.62
CA LEU A 163 15.21 13.42 -0.41
C LEU A 163 16.45 12.98 0.37
N GLY A 164 16.80 11.70 0.30
CA GLY A 164 17.97 11.15 0.96
C GLY A 164 17.70 10.63 2.36
N VAL A 165 16.44 10.27 2.64
CA VAL A 165 16.05 9.73 3.94
C VAL A 165 15.33 8.40 3.83
N ASP A 166 15.34 7.67 4.94
CA ASP A 166 14.57 6.44 5.12
C ASP A 166 13.10 6.82 5.05
N PRO A 167 12.29 6.09 4.26
CA PRO A 167 10.84 6.33 4.25
C PRO A 167 10.19 6.26 5.63
N LEU A 168 10.73 5.44 6.53
CA LEU A 168 10.26 5.37 7.90
C LEU A 168 10.34 6.70 8.65
N THR A 169 11.20 7.61 8.20
CA THR A 169 11.31 8.94 8.81
C THR A 169 10.47 10.01 8.10
N CYS A 170 9.53 9.61 7.26
CA CYS A 170 8.72 10.55 6.49
C CYS A 170 7.28 10.62 6.99
N VAL A 171 6.71 11.81 6.93
CA VAL A 171 5.27 12.02 7.18
C VAL A 171 4.65 12.51 5.87
N ALA A 172 3.60 11.82 5.40
CA ALA A 172 2.98 12.12 4.13
C ALA A 172 1.64 12.78 4.38
N LEU A 173 1.40 13.90 3.70
CA LEU A 173 0.15 14.65 3.84
C LEU A 173 -0.68 14.41 2.60
N GLU A 174 -1.86 13.83 2.79
CA GLU A 174 -2.72 13.38 1.72
C GLU A 174 -4.18 13.79 1.90
N ASP A 175 -4.93 13.85 0.80
CA ASP A 175 -6.36 14.11 0.86
C ASP A 175 -7.24 12.91 0.49
N SER A 176 -6.63 11.80 0.10
CA SER A 176 -7.42 10.66 -0.36
C SER A 176 -7.02 9.38 0.30
N VAL A 177 -7.94 8.42 0.33
CA VAL A 177 -7.65 7.09 0.81
C VAL A 177 -6.57 6.42 -0.03
N ASN A 178 -6.66 6.58 -1.35
CA ASN A 178 -5.66 5.95 -2.23
C ASN A 178 -4.25 6.48 -1.97
N GLY A 179 -4.14 7.79 -1.79
CA GLY A 179 -2.87 8.40 -1.44
C GLY A 179 -2.37 7.98 -0.06
N MSE A 180 -3.28 7.98 0.92
CA MSE A 180 -2.92 7.49 2.24
C MSE A 180 -2.37 6.07 2.23
O MSE A 180 -1.39 5.77 2.91
CB MSE A 180 -4.12 7.55 3.18
CG MSE A 180 -3.85 6.97 4.52
SE MSE A 180 -5.52 6.70 5.47
CE MSE A 180 -6.19 5.31 4.42
N ILE A 181 -3.02 5.17 1.48
CA ILE A 181 -2.62 3.77 1.45
C ILE A 181 -1.22 3.66 0.86
N ALA A 182 -0.96 4.46 -0.16
CA ALA A 182 0.39 4.52 -0.76
C ALA A 182 1.46 4.89 0.28
N SER A 183 1.17 5.89 1.10
CA SER A 183 2.11 6.32 2.10
C SER A 183 2.29 5.23 3.18
N LYS A 184 1.21 4.53 3.52
CA LYS A 184 1.26 3.48 4.53
C LYS A 184 1.91 2.21 4.01
N ALA A 185 1.78 1.97 2.70
CA ALA A 185 2.50 0.89 2.03
C ALA A 185 4.01 1.17 1.93
N ALA A 186 4.39 2.45 2.03
CA ALA A 186 5.79 2.89 2.12
C ALA A 186 6.27 2.95 3.57
N ARG A 187 5.37 2.67 4.52
CA ARG A 187 5.67 2.61 5.96
C ARG A 187 5.90 3.99 6.62
N MSE A 188 5.22 5.01 6.10
CA MSE A 188 5.39 6.40 6.53
C MSE A 188 4.30 6.76 7.52
O MSE A 188 3.29 6.07 7.63
CB MSE A 188 5.27 7.35 5.32
CG MSE A 188 6.34 7.16 4.28
SE MSE A 188 6.09 8.27 2.75
CE MSE A 188 7.90 7.84 1.94
N ARG A 189 4.54 7.85 8.25
CA ARG A 189 3.52 8.49 9.09
C ARG A 189 2.53 9.17 8.15
N SER A 190 1.27 9.26 8.53
CA SER A 190 0.26 9.82 7.64
C SER A 190 -0.61 10.86 8.33
N ILE A 191 -0.67 12.04 7.71
CA ILE A 191 -1.67 13.07 8.02
C ILE A 191 -2.58 13.20 6.82
N VAL A 192 -3.88 13.17 7.05
CA VAL A 192 -4.85 13.34 5.98
C VAL A 192 -5.72 14.58 6.19
N VAL A 193 -5.99 15.26 5.09
CA VAL A 193 -6.87 16.41 5.03
C VAL A 193 -7.90 16.02 3.97
N PRO A 194 -8.87 15.21 4.39
CA PRO A 194 -9.77 14.54 3.45
C PRO A 194 -10.47 15.50 2.50
N ALA A 195 -10.57 15.11 1.24
CA ALA A 195 -11.30 15.88 0.26
C ALA A 195 -12.76 15.98 0.71
N PRO A 196 -13.45 17.02 0.29
CA PRO A 196 -14.89 17.14 0.57
C PRO A 196 -15.65 15.86 0.18
N GLU A 197 -15.35 15.29 -0.98
CA GLU A 197 -15.92 14.02 -1.42
C GLU A 197 -15.65 12.89 -0.39
N ALA A 198 -14.45 12.87 0.18
CA ALA A 198 -14.02 11.76 1.02
C ALA A 198 -14.34 11.93 2.49
N GLN A 199 -15.06 13.00 2.85
CA GLN A 199 -15.42 13.18 4.23
C GLN A 199 -16.17 11.95 4.71
N ASN A 200 -15.87 11.59 5.95
CA ASN A 200 -16.51 10.48 6.65
C ASN A 200 -16.12 9.11 6.11
N ASP A 201 -15.08 9.03 5.27
CA ASP A 201 -14.60 7.74 4.81
C ASP A 201 -13.97 7.07 6.03
N PRO A 202 -14.52 5.93 6.48
CA PRO A 202 -14.01 5.25 7.68
C PRO A 202 -12.57 4.77 7.56
N ARG A 203 -12.09 4.64 6.34
CA ARG A 203 -10.74 4.15 6.09
C ARG A 203 -9.65 5.13 6.45
N PHE A 204 -9.99 6.40 6.69
CA PHE A 204 -9.02 7.38 7.20
C PHE A 204 -8.53 7.10 8.64
N VAL A 205 -9.15 6.13 9.31
CA VAL A 205 -8.67 5.67 10.62
C VAL A 205 -7.23 5.14 10.55
N LEU A 206 -6.77 4.76 9.37
CA LEU A 206 -5.38 4.33 9.18
C LEU A 206 -4.37 5.48 9.33
N ALA A 207 -4.82 6.71 9.09
CA ALA A 207 -3.94 7.87 9.22
C ALA A 207 -3.60 8.06 10.69
N ASN A 208 -2.41 8.59 10.95
CA ASN A 208 -2.01 8.97 12.30
C ASN A 208 -2.70 10.24 12.79
N VAL A 209 -2.97 11.15 11.86
CA VAL A 209 -3.65 12.43 12.12
C VAL A 209 -4.63 12.74 11.00
N LYS A 210 -5.81 13.22 11.39
CA LYS A 210 -6.84 13.67 10.48
C LYS A 210 -7.18 15.13 10.79
N LEU A 211 -7.01 15.98 9.79
CA LEU A 211 -7.26 17.41 9.89
C LEU A 211 -8.45 17.80 9.01
N SER A 212 -9.27 18.74 9.46
CA SER A 212 -10.35 19.26 8.61
C SER A 212 -9.78 20.21 7.56
N SER A 213 -8.64 20.83 7.87
CA SER A 213 -7.94 21.71 6.95
C SER A 213 -6.46 21.78 7.30
N LEU A 214 -5.63 22.13 6.33
CA LEU A 214 -4.19 22.35 6.58
C LEU A 214 -3.93 23.57 7.47
N THR A 215 -4.94 24.41 7.64
CA THR A 215 -4.81 25.55 8.57
C THR A 215 -4.63 25.04 10.00
N GLU A 216 -5.14 23.84 10.26
CA GLU A 216 -5.06 23.20 11.55
C GLU A 216 -3.73 22.50 11.84
N LEU A 217 -2.85 22.39 10.85
CA LEU A 217 -1.61 21.67 11.03
C LEU A 217 -0.77 22.23 12.17
N THR A 218 -0.30 21.36 13.05
CA THR A 218 0.62 21.71 14.15
C THR A 218 1.91 20.91 14.08
N ALA A 219 2.90 21.35 14.85
CA ALA A 219 4.18 20.67 14.96
C ALA A 219 4.02 19.25 15.48
N LYS A 220 3.12 19.08 16.45
CA LYS A 220 2.83 17.76 17.01
C LYS A 220 2.25 16.81 15.98
N ASP A 221 1.43 17.32 15.07
CA ASP A 221 0.86 16.47 14.01
C ASP A 221 1.96 15.91 13.12
N LEU A 222 2.91 16.76 12.76
CA LEU A 222 4.03 16.36 11.90
C LEU A 222 4.96 15.35 12.57
N LEU A 223 5.38 15.66 13.79
CA LEU A 223 6.46 14.93 14.45
C LEU A 223 5.96 13.76 15.28
N GLY A 224 4.71 13.86 15.72
CA GLY A 224 4.10 12.86 16.57
C GLY A 224 4.50 13.06 18.02
N ARG B 7 -17.26 -5.69 -9.22
CA ARG B 7 -15.88 -6.28 -9.32
C ARG B 7 -15.94 -7.79 -9.54
N GLN B 8 -15.30 -8.25 -10.62
CA GLN B 8 -15.33 -9.67 -10.98
C GLN B 8 -14.11 -10.38 -10.40
N ILE B 9 -14.34 -11.36 -9.54
CA ILE B 9 -13.23 -12.06 -8.90
C ILE B 9 -12.90 -13.35 -9.66
N LEU B 10 -11.63 -13.45 -10.06
CA LEU B 10 -11.11 -14.57 -10.80
C LEU B 10 -10.13 -15.42 -10.01
N ALA B 11 -9.54 -14.86 -8.95
CA ALA B 11 -8.53 -15.53 -8.15
C ALA B 11 -8.60 -15.18 -6.67
N ALA B 12 -8.22 -16.14 -5.85
CA ALA B 12 -8.03 -15.94 -4.42
C ALA B 12 -6.57 -16.18 -4.09
N ILE B 13 -5.94 -15.22 -3.40
CA ILE B 13 -4.55 -15.35 -2.94
C ILE B 13 -4.53 -15.40 -1.43
N PHE B 14 -3.95 -16.45 -0.88
CA PHE B 14 -3.83 -16.64 0.55
C PHE B 14 -2.48 -16.16 1.06
N ASP B 15 -2.52 -15.53 2.22
CA ASP B 15 -1.35 -15.28 3.03
C ASP B 15 -0.97 -16.63 3.63
N MSE B 16 0.28 -16.79 4.06
CA MSE B 16 0.68 -18.06 4.64
C MSE B 16 0.76 -18.02 6.16
O MSE B 16 -0.05 -18.64 6.84
CB MSE B 16 2.01 -18.54 4.07
CG MSE B 16 2.81 -19.36 5.05
SE MSE B 16 3.78 -20.73 4.20
CE MSE B 16 2.17 -21.81 3.89
N ASP B 17 1.77 -17.35 6.70
CA ASP B 17 2.02 -17.34 8.14
C ASP B 17 0.90 -16.64 8.90
N GLY B 18 0.26 -17.39 9.79
CA GLY B 18 -0.82 -16.87 10.61
C GLY B 18 -2.20 -16.90 9.96
N LEU B 19 -2.26 -17.38 8.72
CA LEU B 19 -3.51 -17.46 7.97
C LEU B 19 -3.81 -18.90 7.57
N LEU B 20 -2.84 -19.53 6.89
CA LEU B 20 -2.90 -20.96 6.60
C LEU B 20 -2.31 -21.80 7.74
N ILE B 21 -1.23 -21.31 8.34
CA ILE B 21 -0.54 -22.05 9.39
C ILE B 21 -0.36 -21.20 10.63
N ASP B 22 -0.33 -21.87 11.78
CA ASP B 22 -0.18 -21.18 13.02
C ASP B 22 1.32 -21.11 13.35
N SER B 23 2.02 -20.31 12.55
CA SER B 23 3.47 -20.23 12.58
C SER B 23 4.00 -19.04 13.38
N GLU B 24 3.16 -18.07 13.71
CA GLU B 24 3.60 -16.87 14.43
C GLU B 24 4.29 -17.21 15.76
N PRO B 25 3.74 -18.17 16.53
CA PRO B 25 4.40 -18.61 17.78
C PRO B 25 5.73 -19.31 17.51
N LEU B 26 5.82 -19.96 16.36
CA LEU B 26 7.02 -20.71 15.99
C LEU B 26 8.12 -19.76 15.51
N TRP B 27 7.75 -18.74 14.75
CA TRP B 27 8.71 -17.71 14.38
C TRP B 27 9.20 -17.01 15.63
N ASP B 28 8.32 -16.80 16.62
CA ASP B 28 8.72 -16.10 17.84
C ASP B 28 9.79 -16.90 18.56
N ARG B 29 9.54 -18.20 18.66
CA ARG B 29 10.43 -19.11 19.33
C ARG B 29 11.80 -19.16 18.64
N ALA B 30 11.79 -19.26 17.31
CA ALA B 30 13.01 -19.27 16.52
C ALA B 30 13.81 -17.97 16.73
N GLU B 31 13.13 -16.83 16.66
CA GLU B 31 13.75 -15.53 16.89
C GLU B 31 14.35 -15.43 18.28
N LEU B 32 13.56 -15.82 19.27
CA LEU B 32 13.97 -15.80 20.67
C LEU B 32 15.23 -16.61 20.87
N ASP B 33 15.19 -17.86 20.41
CA ASP B 33 16.30 -18.78 20.60
C ASP B 33 17.58 -18.23 19.97
N VAL B 34 17.47 -17.76 18.73
CA VAL B 34 18.64 -17.25 18.02
C VAL B 34 19.18 -15.97 18.63
N MSE B 35 18.30 -15.00 18.91
CA MSE B 35 18.71 -13.77 19.55
C MSE B 35 19.38 -14.02 20.91
O MSE B 35 20.44 -13.47 21.18
CB MSE B 35 17.50 -12.82 19.74
CG MSE B 35 17.03 -12.20 18.47
SE MSE B 35 18.41 -11.18 17.52
CE MSE B 35 17.82 -11.73 15.79
N ALA B 36 18.79 -14.90 21.73
CA ALA B 36 19.38 -15.27 23.02
C ALA B 36 20.79 -15.81 22.86
N SER B 37 20.98 -16.66 21.85
CA SER B 37 22.28 -17.28 21.62
C SER B 37 23.36 -16.21 21.30
N LEU B 38 22.93 -15.08 20.74
CA LEU B 38 23.82 -13.97 20.41
C LEU B 38 24.13 -13.02 21.57
N GLY B 39 23.48 -13.24 22.71
CA GLY B 39 23.69 -12.41 23.89
C GLY B 39 22.73 -11.24 23.95
N VAL B 40 21.78 -11.20 23.02
CA VAL B 40 20.81 -10.12 22.95
C VAL B 40 19.90 -10.22 24.16
N ASP B 41 19.74 -9.11 24.86
CA ASP B 41 18.83 -8.99 25.99
C ASP B 41 17.39 -8.93 25.47
N ILE B 42 16.69 -10.06 25.60
CA ILE B 42 15.35 -10.24 25.08
C ILE B 42 14.28 -9.45 25.86
N SER B 43 14.49 -9.27 27.15
CA SER B 43 13.52 -8.55 27.99
C SER B 43 13.12 -7.18 27.42
N ARG B 44 14.00 -6.64 26.57
CA ARG B 44 13.77 -5.38 25.86
C ARG B 44 13.00 -5.53 24.55
N ARG B 45 12.16 -6.57 24.46
CA ARG B 45 11.36 -6.82 23.27
C ARG B 45 10.36 -5.67 23.05
N ASN B 46 9.90 -5.09 24.16
CA ASN B 46 8.95 -3.97 24.16
C ASN B 46 9.42 -2.69 23.45
N GLU B 47 10.73 -2.59 23.21
CA GLU B 47 11.34 -1.48 22.50
C GLU B 47 11.12 -1.53 20.98
N LEU B 48 10.72 -2.69 20.47
CA LEU B 48 10.47 -2.81 19.04
C LEU B 48 9.03 -2.42 18.74
N PRO B 49 8.81 -1.92 17.53
CA PRO B 49 7.46 -1.63 17.08
C PRO B 49 6.71 -2.93 16.84
N ASP B 50 5.42 -2.82 16.55
CA ASP B 50 4.64 -3.97 16.13
C ASP B 50 5.31 -4.51 14.86
N THR B 51 5.59 -5.81 14.83
CA THR B 51 6.26 -6.42 13.68
C THR B 51 5.39 -7.48 13.00
N LEU B 52 4.11 -7.56 13.35
CA LEU B 52 3.25 -8.58 12.76
C LEU B 52 3.14 -8.39 11.26
N GLY B 53 3.47 -9.44 10.52
CA GLY B 53 3.46 -9.45 9.06
C GLY B 53 4.72 -8.97 8.39
N LEU B 54 5.69 -8.48 9.16
CA LEU B 54 6.94 -8.00 8.59
C LEU B 54 7.89 -9.15 8.29
N ARG B 55 8.64 -9.00 7.21
CA ARG B 55 9.62 -9.98 6.82
C ARG B 55 10.68 -10.12 7.90
N ILE B 56 11.23 -11.32 8.01
CA ILE B 56 12.16 -11.64 9.09
C ILE B 56 13.39 -10.74 9.09
N ASP B 57 13.90 -10.35 7.91
N ASP B 57 13.84 -10.37 7.88
CA ASP B 57 15.17 -9.60 7.88
CA ASP B 57 15.01 -9.50 7.71
C ASP B 57 14.94 -8.17 8.52
C ASP B 57 14.79 -8.14 8.36
N MSE B 58 13.71 -7.62 8.38
N MSE B 58 13.54 -7.69 8.37
CA MSE B 58 13.27 -6.33 8.98
CA MSE B 58 13.24 -6.38 8.98
C MSE B 58 13.25 -6.44 10.50
C MSE B 58 13.25 -6.44 10.50
O MSE B 58 13.66 -5.51 11.18
O MSE B 58 13.67 -5.48 11.18
CB MSE B 58 11.86 -5.92 8.52
CB MSE B 58 11.87 -5.88 8.49
CG MSE B 58 11.58 -5.95 6.99
CG MSE B 58 11.86 -5.45 7.03
SE MSE B 58 13.01 -5.21 5.82
SE MSE B 58 13.23 -4.11 6.65
CE MSE B 58 12.58 -2.90 5.81
CE MSE B 58 14.36 -5.17 5.44
N VAL B 59 12.79 -7.58 11.02
CA VAL B 59 12.78 -7.83 12.45
C VAL B 59 14.21 -7.96 12.98
N VAL B 60 15.07 -8.70 12.28
CA VAL B 60 16.48 -8.86 12.69
C VAL B 60 17.21 -7.52 12.67
N ASP B 61 16.91 -6.69 11.68
CA ASP B 61 17.44 -5.33 11.56
C ASP B 61 16.98 -4.46 12.72
N LEU B 62 15.72 -4.63 13.14
CA LEU B 62 15.19 -3.85 14.25
C LEU B 62 15.95 -4.20 15.52
N TRP B 63 16.07 -5.49 15.82
CA TRP B 63 16.87 -5.95 16.95
C TRP B 63 18.29 -5.45 16.92
N TYR B 64 18.91 -5.46 15.74
CA TYR B 64 20.31 -5.11 15.56
C TYR B 64 20.56 -3.62 15.77
N ALA B 65 19.53 -2.83 15.50
CA ALA B 65 19.57 -1.38 15.71
C ALA B 65 19.48 -1.03 17.20
N ARG B 66 18.77 -1.85 17.98
CA ARG B 66 18.65 -1.66 19.42
C ARG B 66 19.82 -2.25 20.16
N GLN B 67 20.22 -3.46 19.75
CA GLN B 67 21.27 -4.23 20.42
C GLN B 67 22.17 -4.94 19.44
N PRO B 68 23.12 -4.22 18.84
CA PRO B 68 24.04 -4.83 17.87
C PRO B 68 24.72 -6.04 18.49
N TRP B 69 25.16 -6.98 17.67
CA TRP B 69 25.94 -8.13 18.15
C TRP B 69 27.10 -8.40 17.21
N ASN B 70 28.04 -9.19 17.70
CA ASN B 70 29.23 -9.57 16.92
C ASN B 70 28.97 -10.97 16.35
N GLY B 71 29.88 -11.44 15.53
CA GLY B 71 29.82 -12.80 15.01
C GLY B 71 29.00 -12.87 13.73
N PRO B 72 27.91 -13.63 13.72
CA PRO B 72 27.12 -13.73 12.49
C PRO B 72 26.56 -12.38 12.06
N SER B 73 26.52 -12.17 10.75
CA SER B 73 25.93 -10.97 10.19
C SER B 73 24.41 -11.04 10.37
N ARG B 74 23.71 -9.95 10.11
CA ARG B 74 22.26 -9.95 10.16
C ARG B 74 21.68 -10.98 9.19
N GLN B 75 22.26 -11.10 8.00
CA GLN B 75 21.74 -12.09 7.06
C GLN B 75 21.99 -13.53 7.53
N GLU B 76 23.12 -13.79 8.18
CA GLU B 76 23.40 -15.11 8.72
C GLU B 76 22.42 -15.45 9.83
N VAL B 77 22.06 -14.44 10.60
CA VAL B 77 21.05 -14.60 11.66
C VAL B 77 19.69 -14.87 11.05
N VAL B 78 19.33 -14.12 10.02
CA VAL B 78 18.08 -14.35 9.28
C VAL B 78 17.99 -15.81 8.84
N GLU B 79 19.11 -16.33 8.32
N GLU B 79 19.00 -16.33 8.18
CA GLU B 79 19.22 -17.74 7.82
CA GLU B 79 18.88 -17.68 7.68
C GLU B 79 18.91 -18.74 8.90
C GLU B 79 18.84 -18.72 8.87
N ARG B 80 19.45 -18.43 10.05
CA ARG B 80 19.34 -19.32 11.20
C ARG B 80 17.92 -19.35 11.77
N VAL B 81 17.29 -18.18 11.80
CA VAL B 81 15.94 -18.09 12.33
C VAL B 81 14.98 -18.84 11.37
N ILE B 82 15.18 -18.63 10.08
CA ILE B 82 14.33 -19.26 9.05
C ILE B 82 14.40 -20.76 9.22
N ALA B 83 15.61 -21.30 9.26
CA ALA B 83 15.81 -22.75 9.29
C ALA B 83 15.13 -23.34 10.52
N ARG B 84 15.26 -22.65 11.65
CA ARG B 84 14.67 -23.09 12.90
C ARG B 84 13.14 -23.02 12.84
N ALA B 85 12.59 -21.95 12.28
CA ALA B 85 11.13 -21.82 12.17
C ALA B 85 10.57 -22.96 11.32
N ILE B 86 11.26 -23.27 10.23
CA ILE B 86 10.85 -24.36 9.35
C ILE B 86 10.84 -25.70 10.07
N SER B 87 11.88 -26.00 10.84
CA SER B 87 11.92 -27.25 11.61
C SER B 87 10.76 -27.32 12.58
N LEU B 88 10.42 -26.19 13.18
CA LEU B 88 9.30 -26.14 14.10
C LEU B 88 7.97 -26.36 13.39
N VAL B 89 7.83 -25.84 12.16
CA VAL B 89 6.60 -26.02 11.41
C VAL B 89 6.43 -27.49 11.03
N GLU B 90 7.47 -28.11 10.48
CA GLU B 90 7.43 -29.53 10.09
C GLU B 90 7.04 -30.42 11.25
N GLU B 91 7.57 -30.06 12.42
CA GLU B 91 7.43 -30.85 13.63
C GLU B 91 6.04 -30.77 14.22
N THR B 92 5.40 -29.60 14.15
CA THR B 92 4.10 -29.39 14.76
C THR B 92 2.93 -29.44 13.76
N ARG B 93 3.23 -29.24 12.48
CA ARG B 93 2.21 -29.24 11.42
C ARG B 93 0.98 -28.43 11.82
N PRO B 94 1.17 -27.12 12.03
CA PRO B 94 0.13 -26.26 12.58
C PRO B 94 -0.88 -25.73 11.55
N LEU B 95 -1.63 -26.59 10.89
CA LEU B 95 -2.65 -26.14 9.94
C LEU B 95 -3.78 -25.48 10.70
N LEU B 96 -4.17 -24.29 10.26
CA LEU B 96 -5.20 -23.54 10.95
C LEU B 96 -6.59 -24.03 10.56
N PRO B 97 -7.58 -23.83 11.43
CA PRO B 97 -8.93 -24.32 11.16
C PRO B 97 -9.51 -23.75 9.87
N GLY B 98 -10.20 -24.61 9.13
CA GLY B 98 -10.96 -24.18 7.98
C GLY B 98 -10.15 -24.06 6.70
N VAL B 99 -8.84 -24.32 6.74
CA VAL B 99 -7.99 -24.06 5.57
C VAL B 99 -8.35 -24.93 4.38
N ARG B 100 -8.41 -26.23 4.61
CA ARG B 100 -8.71 -27.18 3.55
C ARG B 100 -10.03 -26.85 2.92
N GLU B 101 -11.02 -26.53 3.74
CA GLU B 101 -12.38 -26.21 3.28
C GLU B 101 -12.39 -24.90 2.48
N ALA B 102 -11.58 -23.93 2.90
CA ALA B 102 -11.54 -22.61 2.26
C ALA B 102 -10.97 -22.73 0.86
N VAL B 103 -9.90 -23.51 0.73
CA VAL B 103 -9.23 -23.70 -0.56
C VAL B 103 -10.16 -24.43 -1.52
N ALA B 104 -10.82 -25.48 -1.01
CA ALA B 104 -11.81 -26.22 -1.78
C ALA B 104 -12.92 -25.30 -2.24
N LEU B 105 -13.42 -24.43 -1.35
CA LEU B 105 -14.48 -23.50 -1.69
C LEU B 105 -14.07 -22.58 -2.83
N CYS B 106 -12.82 -22.15 -2.83
CA CYS B 106 -12.29 -21.30 -3.89
C CYS B 106 -12.42 -21.99 -5.25
N LYS B 107 -12.00 -23.26 -5.31
CA LYS B 107 -12.15 -24.06 -6.53
C LYS B 107 -13.63 -24.30 -6.90
N GLU B 108 -14.46 -24.60 -5.90
CA GLU B 108 -15.92 -24.75 -6.09
C GLU B 108 -16.52 -23.49 -6.73
N GLN B 109 -16.01 -22.33 -6.34
CA GLN B 109 -16.49 -21.06 -6.85
C GLN B 109 -15.75 -20.57 -8.13
N GLY B 110 -14.93 -21.43 -8.73
CA GLY B 110 -14.37 -21.11 -10.02
C GLY B 110 -13.12 -20.24 -10.03
N LEU B 111 -12.40 -20.20 -8.91
CA LEU B 111 -11.27 -19.30 -8.75
C LEU B 111 -9.95 -20.03 -8.92
N LEU B 112 -8.97 -19.32 -9.45
CA LEU B 112 -7.58 -19.69 -9.36
C LEU B 112 -7.15 -19.42 -7.93
N VAL B 113 -6.10 -20.11 -7.49
CA VAL B 113 -5.64 -20.00 -6.12
C VAL B 113 -4.15 -19.72 -6.07
N GLY B 114 -3.80 -18.61 -5.42
CA GLY B 114 -2.44 -18.23 -5.20
C GLY B 114 -1.97 -18.18 -3.75
N LEU B 115 -0.67 -18.13 -3.59
CA LEU B 115 -0.03 -17.91 -2.30
C LEU B 115 0.97 -16.76 -2.43
N ALA B 116 0.90 -15.81 -1.50
CA ALA B 116 1.76 -14.64 -1.47
C ALA B 116 2.25 -14.45 -0.05
N SER B 117 3.57 -14.59 0.16
CA SER B 117 4.15 -14.62 1.49
C SER B 117 5.52 -13.95 1.55
N ALA B 118 5.85 -13.39 2.71
CA ALA B 118 7.18 -12.86 2.97
C ALA B 118 8.21 -13.95 3.16
N SER B 119 7.75 -15.16 3.50
CA SER B 119 8.64 -16.29 3.73
C SER B 119 9.26 -16.79 2.43
N PRO B 120 10.42 -17.44 2.55
CA PRO B 120 11.13 -17.97 1.36
C PRO B 120 10.32 -18.97 0.54
N LEU B 121 10.53 -18.94 -0.78
CA LEU B 121 9.82 -19.82 -1.69
C LEU B 121 9.96 -21.29 -1.31
N HIS B 122 11.12 -21.70 -0.81
CA HIS B 122 11.33 -23.09 -0.43
C HIS B 122 10.41 -23.47 0.73
N MSE B 123 10.22 -22.55 1.68
CA MSE B 123 9.31 -22.80 2.80
C MSE B 123 7.86 -22.85 2.31
O MSE B 123 7.08 -23.67 2.79
CB MSE B 123 9.48 -21.74 3.89
CG MSE B 123 8.57 -21.92 5.08
SE MSE B 123 8.92 -20.57 6.41
CE MSE B 123 7.66 -21.09 7.80
N LEU B 124 7.50 -21.99 1.36
CA LEU B 124 6.15 -21.99 0.80
C LEU B 124 5.85 -23.36 0.19
N GLU B 125 6.78 -23.85 -0.61
CA GLU B 125 6.68 -25.17 -1.26
C GLU B 125 6.57 -26.26 -0.20
N LYS B 126 7.36 -26.12 0.88
CA LYS B 126 7.42 -27.12 1.93
C LYS B 126 6.11 -27.23 2.71
N VAL B 127 5.60 -26.09 3.17
CA VAL B 127 4.35 -26.07 3.94
C VAL B 127 3.19 -26.59 3.10
N LEU B 128 3.11 -26.22 1.82
CA LEU B 128 1.99 -26.68 0.99
C LEU B 128 2.06 -28.17 0.71
N THR B 129 3.24 -28.63 0.37
CA THR B 129 3.44 -30.03 0.11
C THR B 129 3.16 -30.90 1.34
N MSE B 130 3.45 -30.38 2.54
CA MSE B 130 3.30 -31.16 3.77
C MSE B 130 1.83 -31.32 4.18
O MSE B 130 1.50 -32.18 4.98
CB MSE B 130 4.11 -30.53 4.95
CG MSE B 130 3.36 -29.48 5.81
SE MSE B 130 4.28 -28.85 7.48
CE MSE B 130 5.97 -28.40 6.70
N PHE B 131 0.96 -30.47 3.64
CA PHE B 131 -0.45 -30.59 3.89
C PHE B 131 -1.20 -31.07 2.63
N ASP B 132 -0.46 -31.62 1.66
CA ASP B 132 -1.04 -32.06 0.39
C ASP B 132 -1.91 -30.97 -0.23
N LEU B 133 -1.44 -29.73 -0.15
CA LEU B 133 -2.14 -28.59 -0.74
C LEU B 133 -1.42 -28.02 -1.96
N ARG B 134 -0.23 -28.54 -2.32
CA ARG B 134 0.54 -27.93 -3.41
C ARG B 134 -0.22 -27.95 -4.72
N ASP B 135 -0.96 -29.03 -4.95
CA ASP B 135 -1.70 -29.19 -6.18
C ASP B 135 -2.82 -28.17 -6.36
N SER B 136 -3.38 -27.69 -5.25
CA SER B 136 -4.50 -26.74 -5.28
C SER B 136 -4.04 -25.30 -5.62
N PHE B 137 -2.75 -25.01 -5.44
CA PHE B 137 -2.23 -23.66 -5.68
C PHE B 137 -1.68 -23.52 -7.09
N ASP B 138 -2.26 -22.59 -7.84
CA ASP B 138 -1.85 -22.35 -9.22
C ASP B 138 -0.60 -21.49 -9.33
N ALA B 139 -0.32 -20.70 -8.31
CA ALA B 139 0.90 -19.91 -8.27
C ALA B 139 1.34 -19.60 -6.84
N LEU B 140 2.66 -19.49 -6.66
CA LEU B 140 3.27 -19.13 -5.37
C LEU B 140 4.14 -17.90 -5.60
N ALA B 141 4.15 -16.96 -4.65
CA ALA B 141 5.05 -15.80 -4.75
C ALA B 141 5.64 -15.49 -3.40
N SER B 142 6.97 -15.48 -3.33
CA SER B 142 7.69 -15.11 -2.13
C SER B 142 8.22 -13.68 -2.24
N ALA B 143 8.20 -12.96 -1.12
CA ALA B 143 8.80 -11.61 -1.07
C ALA B 143 10.28 -11.66 -0.67
N GLU B 144 10.86 -12.84 -0.53
CA GLU B 144 12.24 -12.96 -0.05
C GLU B 144 13.28 -12.16 -0.86
N LYS B 145 13.31 -12.34 -2.18
CA LYS B 145 14.28 -11.64 -3.03
C LYS B 145 13.96 -10.16 -3.29
N LEU B 146 12.77 -9.69 -2.90
CA LEU B 146 12.30 -8.36 -3.28
C LEU B 146 12.88 -7.29 -2.37
N PRO B 147 13.01 -6.07 -2.88
CA PRO B 147 13.51 -4.98 -2.04
C PRO B 147 12.60 -4.71 -0.85
N TYR B 148 11.29 -4.76 -1.07
CA TYR B 148 10.29 -4.55 -0.01
C TYR B 148 9.22 -5.63 0.03
N SER B 149 8.97 -6.16 1.22
CA SER B 149 7.89 -7.11 1.47
C SER B 149 6.66 -6.32 1.91
N LYS B 150 5.57 -7.02 2.20
CA LYS B 150 4.35 -6.40 2.77
C LYS B 150 4.78 -5.45 3.92
N PRO B 151 4.21 -4.25 4.04
CA PRO B 151 3.01 -3.79 3.33
C PRO B 151 3.19 -3.28 1.88
N HIS B 152 4.37 -3.41 1.30
CA HIS B 152 4.56 -3.13 -0.13
C HIS B 152 3.80 -4.17 -0.97
N PRO B 153 3.10 -3.74 -2.01
CA PRO B 153 2.28 -4.67 -2.81
C PRO B 153 3.02 -5.58 -3.78
N GLN B 154 4.33 -5.48 -3.89
CA GLN B 154 5.02 -6.19 -4.97
C GLN B 154 4.75 -7.69 -4.99
N VAL B 155 4.83 -8.35 -3.84
CA VAL B 155 4.60 -9.80 -3.78
C VAL B 155 3.20 -10.18 -4.30
N TYR B 156 2.20 -9.37 -3.99
CA TYR B 156 0.83 -9.61 -4.46
C TYR B 156 0.71 -9.37 -5.97
N LEU B 157 1.36 -8.33 -6.47
CA LEU B 157 1.38 -8.08 -7.90
C LEU B 157 2.13 -9.20 -8.65
N ASP B 158 3.24 -9.67 -8.10
CA ASP B 158 3.98 -10.80 -8.68
C ASP B 158 3.08 -12.05 -8.74
N CYS B 159 2.34 -12.29 -7.67
CA CYS B 159 1.44 -13.43 -7.62
C CYS B 159 0.35 -13.35 -8.68
N ALA B 160 -0.28 -12.17 -8.81
CA ALA B 160 -1.33 -11.97 -9.80
C ALA B 160 -0.78 -12.22 -11.19
N ALA B 161 0.46 -11.82 -11.42
CA ALA B 161 1.09 -11.96 -12.73
C ALA B 161 1.37 -13.43 -13.04
N LYS B 162 1.81 -14.18 -12.03
CA LYS B 162 2.07 -15.61 -12.19
C LYS B 162 0.77 -16.36 -12.39
N LEU B 163 -0.31 -15.86 -11.78
CA LEU B 163 -1.65 -16.40 -11.96
C LEU B 163 -2.23 -16.09 -13.34
N GLY B 164 -1.80 -14.98 -13.93
CA GLY B 164 -2.23 -14.59 -15.26
C GLY B 164 -3.52 -13.79 -15.23
N VAL B 165 -3.79 -13.11 -14.10
CA VAL B 165 -4.97 -12.26 -13.96
C VAL B 165 -4.61 -10.85 -13.50
N ASP B 166 -5.52 -9.91 -13.78
CA ASP B 166 -5.39 -8.53 -13.35
C ASP B 166 -5.46 -8.57 -11.82
N PRO B 167 -4.57 -7.87 -11.12
CA PRO B 167 -4.68 -7.76 -9.65
C PRO B 167 -6.08 -7.34 -9.20
N LEU B 168 -6.74 -6.49 -9.97
CA LEU B 168 -8.09 -6.05 -9.62
C LEU B 168 -9.10 -7.20 -9.49
N THR B 169 -8.85 -8.33 -10.15
CA THR B 169 -9.72 -9.49 -10.08
C THR B 169 -9.37 -10.45 -8.94
N CYS B 170 -8.47 -10.04 -8.03
CA CYS B 170 -8.04 -10.91 -6.93
C CYS B 170 -8.64 -10.52 -5.59
N VAL B 171 -8.88 -11.53 -4.77
CA VAL B 171 -9.23 -11.38 -3.36
C VAL B 171 -8.13 -11.99 -2.50
N ALA B 172 -7.57 -11.19 -1.61
CA ALA B 172 -6.46 -11.58 -0.75
C ALA B 172 -6.96 -11.85 0.66
N LEU B 173 -6.60 -13.01 1.20
CA LEU B 173 -6.95 -13.41 2.57
C LEU B 173 -5.73 -13.26 3.45
N GLU B 174 -5.86 -12.43 4.47
CA GLU B 174 -4.75 -12.01 5.31
C GLU B 174 -5.11 -12.06 6.79
N ASP B 175 -4.09 -12.17 7.64
CA ASP B 175 -4.29 -12.12 9.09
C ASP B 175 -3.73 -10.86 9.75
N SER B 176 -3.03 -10.01 8.99
CA SER B 176 -2.39 -8.83 9.56
C SER B 176 -2.71 -7.56 8.80
N VAL B 177 -2.59 -6.43 9.50
CA VAL B 177 -2.75 -5.12 8.88
C VAL B 177 -1.71 -4.90 7.79
N ASN B 178 -0.46 -5.26 8.05
CA ASN B 178 0.60 -5.06 7.05
C ASN B 178 0.30 -5.81 5.76
N GLY B 179 -0.15 -7.05 5.91
CA GLY B 179 -0.55 -7.87 4.78
C GLY B 179 -1.76 -7.32 4.07
N MSE B 180 -2.78 -6.94 4.84
CA MSE B 180 -3.95 -6.29 4.26
C MSE B 180 -3.57 -5.05 3.45
O MSE B 180 -4.08 -4.86 2.36
CB MSE B 180 -4.94 -5.88 5.36
CG MSE B 180 -6.11 -5.12 4.82
SE MSE B 180 -7.07 -4.29 6.26
CE MSE B 180 -5.74 -2.99 6.76
N ILE B 181 -2.72 -4.18 4.00
CA ILE B 181 -2.33 -2.98 3.28
C ILE B 181 -1.67 -3.32 1.95
N ALA B 182 -0.83 -4.36 1.96
CA ALA B 182 -0.17 -4.82 0.73
C ALA B 182 -1.19 -5.20 -0.36
N SER B 183 -2.25 -5.90 0.05
CA SER B 183 -3.28 -6.31 -0.89
C SER B 183 -4.07 -5.09 -1.40
N LYS B 184 -4.30 -4.11 -0.54
CA LYS B 184 -5.04 -2.90 -0.93
C LYS B 184 -4.19 -1.93 -1.78
N ALA B 185 -2.89 -1.91 -1.52
CA ALA B 185 -1.97 -1.14 -2.35
C ALA B 185 -1.85 -1.76 -3.75
N ALA B 186 -2.18 -3.05 -3.86
CA ALA B 186 -2.31 -3.77 -5.14
C ALA B 186 -3.71 -3.67 -5.75
N ARG B 187 -4.63 -2.99 -5.04
CA ARG B 187 -6.01 -2.72 -5.46
C ARG B 187 -6.90 -3.99 -5.48
N MSE B 188 -6.62 -4.93 -4.60
CA MSE B 188 -7.34 -6.20 -4.55
C MSE B 188 -8.46 -6.10 -3.54
O MSE B 188 -8.49 -5.18 -2.73
CB MSE B 188 -6.40 -7.33 -4.12
CG MSE B 188 -5.24 -7.54 -5.04
SE MSE B 188 -4.05 -8.89 -4.41
CE MSE B 188 -3.03 -8.95 -6.14
N ARG B 189 -9.40 -7.05 -3.63
CA ARG B 189 -10.42 -7.26 -2.60
C ARG B 189 -9.72 -7.89 -1.40
N SER B 190 -10.19 -7.60 -0.20
CA SER B 190 -9.52 -8.08 1.01
C SER B 190 -10.46 -8.77 2.00
N ILE B 191 -10.08 -9.97 2.39
CA ILE B 191 -10.70 -10.69 3.50
C ILE B 191 -9.64 -10.83 4.58
N VAL B 192 -9.98 -10.47 5.81
CA VAL B 192 -9.06 -10.65 6.91
C VAL B 192 -9.59 -11.61 7.98
N VAL B 193 -8.66 -12.40 8.50
CA VAL B 193 -8.93 -13.30 9.62
C VAL B 193 -7.88 -12.92 10.65
N PRO B 194 -8.14 -11.85 11.39
CA PRO B 194 -7.10 -11.21 12.22
C PRO B 194 -6.43 -12.17 13.18
N ALA B 195 -5.11 -12.05 13.27
CA ALA B 195 -4.36 -12.79 14.25
C ALA B 195 -4.92 -12.44 15.63
N PRO B 196 -4.82 -13.39 16.58
CA PRO B 196 -5.15 -13.10 17.97
C PRO B 196 -4.45 -11.83 18.49
N GLU B 197 -3.19 -11.64 18.12
CA GLU B 197 -2.41 -10.45 18.48
C GLU B 197 -2.92 -9.12 17.89
N ALA B 198 -3.92 -9.18 16.99
CA ALA B 198 -4.42 -8.00 16.27
C ALA B 198 -5.96 -7.86 16.23
N GLN B 199 -6.66 -8.60 17.08
CA GLN B 199 -8.13 -8.78 16.95
C GLN B 199 -9.03 -7.56 16.69
N ASN B 200 -8.86 -6.57 17.56
CA ASN B 200 -9.63 -5.32 17.60
C ASN B 200 -8.87 -4.14 16.99
N ASP B 201 -7.97 -4.43 16.05
CA ASP B 201 -7.24 -3.37 15.39
C ASP B 201 -8.26 -2.62 14.52
N PRO B 202 -8.47 -1.32 14.75
CA PRO B 202 -9.49 -0.56 14.00
C PRO B 202 -9.19 -0.45 12.51
N ARG B 203 -7.93 -0.63 12.17
CA ARG B 203 -7.49 -0.53 10.78
C ARG B 203 -8.01 -1.64 9.87
N PHE B 204 -8.48 -2.76 10.45
CA PHE B 204 -9.12 -3.79 9.62
C PHE B 204 -10.42 -3.34 8.93
N VAL B 205 -10.95 -2.16 9.29
CA VAL B 205 -12.09 -1.58 8.59
C VAL B 205 -11.84 -1.38 7.08
N LEU B 206 -10.56 -1.36 6.68
CA LEU B 206 -10.16 -1.31 5.28
C LEU B 206 -10.50 -2.58 4.50
N ALA B 207 -10.48 -3.74 5.18
CA ALA B 207 -10.87 -5.00 4.54
C ALA B 207 -12.34 -4.96 4.09
N ASN B 208 -12.65 -5.70 3.04
CA ASN B 208 -14.02 -5.88 2.58
C ASN B 208 -14.84 -6.82 3.46
N VAL B 209 -14.17 -7.85 4.00
CA VAL B 209 -14.78 -8.83 4.90
C VAL B 209 -13.83 -9.11 6.08
N LYS B 210 -14.39 -9.19 7.28
CA LYS B 210 -13.64 -9.59 8.47
C LYS B 210 -14.25 -10.87 9.04
N LEU B 211 -13.41 -11.90 9.16
CA LEU B 211 -13.82 -13.21 9.67
C LEU B 211 -13.11 -13.47 10.98
N SER B 212 -13.77 -14.16 11.91
CA SER B 212 -13.11 -14.58 13.14
C SER B 212 -12.28 -15.83 12.89
N SER B 213 -12.69 -16.59 11.87
CA SER B 213 -11.99 -17.79 11.48
C SER B 213 -12.28 -18.11 10.02
N LEU B 214 -11.35 -18.83 9.40
CA LEU B 214 -11.52 -19.28 8.02
C LEU B 214 -12.65 -20.32 7.92
N THR B 215 -13.04 -20.90 9.04
CA THR B 215 -14.20 -21.82 9.06
C THR B 215 -15.47 -21.09 8.62
N GLU B 216 -15.51 -19.78 8.87
CA GLU B 216 -16.66 -18.93 8.54
C GLU B 216 -16.69 -18.45 7.10
N LEU B 217 -15.66 -18.76 6.31
CA LEU B 217 -15.58 -18.27 4.92
C LEU B 217 -16.73 -18.77 4.05
N THR B 218 -17.36 -17.85 3.31
CA THR B 218 -18.44 -18.15 2.37
C THR B 218 -18.12 -17.67 0.96
N ALA B 219 -18.89 -18.17 -0.01
CA ALA B 219 -18.72 -17.79 -1.40
C ALA B 219 -18.95 -16.30 -1.59
N LYS B 220 -19.92 -15.76 -0.86
CA LYS B 220 -20.21 -14.34 -0.88
C LYS B 220 -19.04 -13.50 -0.37
N ASP B 221 -18.32 -14.00 0.63
CA ASP B 221 -17.15 -13.29 1.14
C ASP B 221 -16.10 -13.19 0.04
N LEU B 222 -15.90 -14.28 -0.69
CA LEU B 222 -14.91 -14.32 -1.77
C LEU B 222 -15.27 -13.42 -2.94
N LEU B 223 -16.49 -13.58 -3.45
CA LEU B 223 -16.92 -12.96 -4.70
C LEU B 223 -17.49 -11.56 -4.54
N GLY B 224 -17.95 -11.24 -3.34
CA GLY B 224 -18.59 -9.97 -3.09
C GLY B 224 -20.05 -10.02 -3.49
P PGA C . -1.96 13.67 -6.62
O1P PGA C . -1.18 12.25 -6.45
O2P PGA C . -1.00 14.91 -6.69
O3P PGA C . -2.92 13.57 -8.10
O4P PGA C . -3.16 13.86 -5.34
C2 PGA C . -1.83 11.04 -6.65
C1 PGA C . -3.02 10.94 -5.71
O1 PGA C . -3.31 9.89 -5.16
CA CA D . -4.79 13.94 -4.04
P PGA E . 3.38 -14.13 5.59
O1P PGA E . 3.52 -12.96 4.47
O2P PGA E . 4.67 -14.11 6.52
O3P PGA E . 2.00 -13.74 6.63
O4P PGA E . 3.23 -15.70 4.80
C2 PGA E . 3.94 -11.66 4.79
C1 PGA E . 3.14 -11.15 5.95
O1 PGA E . 2.64 -10.04 5.92
CA CA F . -4.11 -32.06 -2.66
CA CA G . -18.27 -23.77 -9.85
CA CA H . 0.61 -13.23 8.04
#